data_2DUM
#
_entry.id   2DUM
#
_cell.length_a   120.786
_cell.length_b   120.786
_cell.length_c   127.098
_cell.angle_alpha   90.00
_cell.angle_beta   90.00
_cell.angle_gamma   90.00
#
_symmetry.space_group_name_H-M   'P 43 21 2'
#
loop_
_entity.id
_entity.type
_entity.pdbx_description
1 polymer 'Hypothetical protein PH0823'
2 water water
#
_entity_poly.entity_id   1
_entity_poly.type   'polypeptide(L)'
_entity_poly.pdbx_seq_one_letter_code
;MIFMFRKVLFPTDFSEGAYRAVEVFEKRNKMEVGEVILLHVIDEGTLEELMDGYSFFYDNAEIELKDIKEKLKEEASRKL
QEKAEEVKRAFRAKNVRTIIRFGIPWDEIVKVAEEENVSLIILPSRGKLSLSHEFLGSTVMRVLRKTKKPVLIIKEVDEN
ELAKTKGTSG
;
_entity_poly.pdbx_strand_id   A,B,C,D
#
# COMPACT_ATOMS: atom_id res chain seq x y z
N MET A 4 -9.10 -6.78 6.96
CA MET A 4 -10.51 -6.47 7.59
C MET A 4 -11.59 -5.97 6.66
N PHE A 5 -11.24 -5.20 5.63
CA PHE A 5 -12.15 -4.86 4.55
C PHE A 5 -11.96 -5.86 3.39
N ARG A 6 -11.41 -7.03 3.69
CA ARG A 6 -11.14 -7.97 2.63
C ARG A 6 -12.41 -8.53 2.01
N LYS A 7 -13.47 -8.73 2.81
CA LYS A 7 -14.70 -9.24 2.32
C LYS A 7 -15.87 -8.78 3.19
N VAL A 8 -16.16 -7.52 3.19
CA VAL A 8 -17.14 -7.15 4.17
C VAL A 8 -18.51 -7.55 3.68
N LEU A 9 -19.45 -7.73 4.62
CA LEU A 9 -20.82 -8.05 4.23
C LEU A 9 -21.60 -6.92 4.70
N PHE A 10 -22.71 -6.68 4.03
CA PHE A 10 -23.38 -5.46 4.24
C PHE A 10 -24.75 -5.72 3.79
N PRO A 11 -25.64 -5.92 4.73
CA PRO A 11 -27.07 -5.97 4.60
C PRO A 11 -27.79 -4.67 4.32
N THR A 12 -28.51 -4.67 3.19
CA THR A 12 -29.42 -3.58 2.82
C THR A 12 -30.88 -3.86 3.01
N ASP A 13 -31.48 -2.84 3.60
CA ASP A 13 -32.75 -2.88 4.20
C ASP A 13 -33.65 -2.39 3.15
N PHE A 14 -33.07 -2.09 2.02
CA PHE A 14 -33.69 -1.21 1.07
C PHE A 14 -34.25 0.02 1.70
N SER A 15 -34.20 0.14 3.04
CA SER A 15 -34.64 1.35 3.71
C SER A 15 -33.90 2.64 3.34
N GLU A 16 -34.42 3.74 3.86
CA GLU A 16 -33.69 5.01 4.07
C GLU A 16 -32.24 4.87 4.58
N GLY A 17 -32.23 4.29 5.78
CA GLY A 17 -31.11 4.14 6.69
C GLY A 17 -30.01 3.48 5.96
N ALA A 18 -30.44 2.56 5.08
CA ALA A 18 -29.62 1.65 4.29
C ALA A 18 -28.87 2.42 3.25
N TYR A 19 -29.53 3.34 2.56
CA TYR A 19 -28.82 4.16 1.57
C TYR A 19 -27.96 5.23 2.19
N ARG A 20 -28.41 5.81 3.27
CA ARG A 20 -27.59 6.75 3.99
C ARG A 20 -26.31 6.12 4.48
N ALA A 21 -26.42 4.92 5.03
CA ALA A 21 -25.23 4.27 5.59
C ALA A 21 -24.21 4.16 4.52
N VAL A 22 -24.71 3.95 3.32
CA VAL A 22 -23.86 3.83 2.12
C VAL A 22 -23.16 5.16 1.76
N GLU A 23 -23.88 6.29 1.69
CA GLU A 23 -23.15 7.61 1.59
C GLU A 23 -22.12 7.73 2.72
N VAL A 24 -22.60 7.60 3.95
CA VAL A 24 -21.74 7.84 5.07
C VAL A 24 -20.48 7.01 4.88
N PHE A 25 -20.58 5.72 4.50
CA PHE A 25 -19.38 4.93 4.38
C PHE A 25 -18.61 5.58 3.33
N GLU A 26 -19.31 6.00 2.27
CA GLU A 26 -18.65 6.58 1.11
C GLU A 26 -17.84 7.80 1.44
N LYS A 27 -18.43 8.70 2.25
CA LYS A 27 -17.73 9.96 2.79
C LYS A 27 -16.70 9.76 3.90
N ARG A 28 -17.12 9.08 4.97
CA ARG A 28 -16.26 8.60 6.03
C ARG A 28 -15.08 7.84 5.55
N ASN A 29 -15.33 6.80 4.75
CA ASN A 29 -14.23 5.85 4.36
C ASN A 29 -13.44 6.16 3.14
N LYS A 30 -12.11 5.98 3.26
CA LYS A 30 -11.28 5.97 2.05
C LYS A 30 -10.42 4.74 1.70
N MET A 31 -10.46 3.69 2.50
CA MET A 31 -9.57 2.53 2.29
C MET A 31 -10.30 1.65 1.29
N GLU A 32 -9.64 0.61 0.80
CA GLU A 32 -10.30 -0.04 -0.25
C GLU A 32 -10.68 -1.47 0.16
N VAL A 33 -11.97 -1.68 0.16
CA VAL A 33 -12.60 -2.97 0.38
C VAL A 33 -12.17 -4.06 -0.70
N GLY A 34 -11.99 -5.34 -0.33
CA GLY A 34 -11.63 -6.43 -1.27
C GLY A 34 -12.91 -6.73 -2.03
N GLU A 35 -13.82 -7.49 -1.41
CA GLU A 35 -15.17 -7.80 -1.95
C GLU A 35 -16.25 -7.38 -0.98
N VAL A 36 -17.34 -6.84 -1.48
CA VAL A 36 -18.52 -6.68 -0.59
C VAL A 36 -19.75 -7.60 -0.98
N ILE A 37 -20.36 -8.31 -0.06
CA ILE A 37 -21.52 -9.02 -0.49
C ILE A 37 -22.65 -8.17 0.01
N LEU A 38 -23.47 -7.75 -0.91
CA LEU A 38 -24.54 -6.90 -0.59
C LEU A 38 -25.76 -7.78 -0.33
N LEU A 39 -26.04 -8.18 0.91
CA LEU A 39 -27.18 -9.09 1.22
C LEU A 39 -28.50 -8.40 1.36
N HIS A 40 -29.59 -9.13 1.10
CA HIS A 40 -30.98 -8.65 1.37
C HIS A 40 -31.85 -9.79 1.75
N VAL A 41 -32.40 -9.72 2.95
CA VAL A 41 -33.08 -10.88 3.40
C VAL A 41 -34.46 -10.48 3.38
N ILE A 42 -35.22 -10.97 2.44
CA ILE A 42 -36.63 -10.61 2.50
C ILE A 42 -37.33 -11.42 3.60
N ASP A 43 -37.92 -10.65 4.53
CA ASP A 43 -38.29 -11.14 5.87
C ASP A 43 -39.44 -12.10 5.86
N GLU A 44 -39.21 -13.31 6.37
CA GLU A 44 -40.25 -14.34 6.49
C GLU A 44 -41.49 -13.81 7.24
N GLY A 45 -41.23 -13.19 8.39
CA GLY A 45 -42.27 -12.52 9.16
C GLY A 45 -43.20 -11.66 8.33
N THR A 46 -42.64 -10.57 7.78
CA THR A 46 -43.41 -9.40 7.29
C THR A 46 -44.47 -9.74 6.22
N LEU A 47 -44.13 -10.63 5.31
CA LEU A 47 -45.11 -11.09 4.36
C LEU A 47 -46.33 -11.76 4.99
N GLU A 48 -46.26 -12.20 6.26
CA GLU A 48 -47.34 -12.99 6.87
C GLU A 48 -48.66 -12.27 6.91
N GLU A 49 -48.56 -10.99 7.23
CA GLU A 49 -49.40 -10.00 6.56
C GLU A 49 -49.44 -10.40 5.00
N LEU A 50 -49.77 -11.68 4.79
CA LEU A 50 -50.05 -12.29 3.48
C LEU A 50 -51.59 -12.15 3.37
N MET A 51 -52.11 -10.98 3.75
CA MET A 51 -53.56 -10.76 3.89
C MET A 51 -54.18 -10.08 2.65
N GLU A 64 -53.63 -16.84 -4.75
CA GLU A 64 -52.15 -17.00 -4.99
C GLU A 64 -51.56 -17.71 -3.80
N LEU A 65 -50.49 -18.46 -4.02
CA LEU A 65 -49.86 -19.15 -2.88
C LEU A 65 -48.47 -18.64 -2.48
N LYS A 66 -47.48 -19.53 -2.64
CA LYS A 66 -46.10 -19.37 -2.14
C LYS A 66 -45.13 -18.88 -3.20
N ASP A 67 -45.64 -18.10 -4.13
CA ASP A 67 -44.83 -17.67 -5.22
C ASP A 67 -45.14 -16.24 -5.41
N ILE A 68 -45.75 -15.70 -4.37
CA ILE A 68 -45.79 -14.26 -4.19
C ILE A 68 -44.43 -13.98 -3.58
N LYS A 69 -43.95 -15.00 -2.87
CA LYS A 69 -42.61 -15.04 -2.41
C LYS A 69 -41.77 -14.63 -3.59
N GLU A 70 -41.91 -15.37 -4.65
CA GLU A 70 -40.91 -15.29 -5.65
C GLU A 70 -41.10 -14.20 -6.66
N LYS A 71 -42.19 -13.44 -6.56
CA LYS A 71 -42.22 -12.14 -7.26
C LYS A 71 -41.49 -11.06 -6.44
N LEU A 72 -41.34 -11.32 -5.14
CA LEU A 72 -40.52 -10.50 -4.28
C LEU A 72 -39.07 -10.74 -4.52
N LYS A 73 -38.78 -11.95 -4.93
CA LYS A 73 -37.43 -12.33 -5.19
C LYS A 73 -36.89 -11.41 -6.30
N GLU A 74 -37.49 -11.42 -7.51
CA GLU A 74 -37.02 -10.53 -8.61
C GLU A 74 -37.18 -9.04 -8.35
N GLU A 75 -38.24 -8.66 -7.66
CA GLU A 75 -38.28 -7.38 -6.93
C GLU A 75 -36.97 -6.99 -6.20
N ALA A 76 -36.41 -7.98 -5.49
CA ALA A 76 -35.17 -7.86 -4.82
C ALA A 76 -34.14 -7.60 -5.89
N SER A 77 -33.75 -8.63 -6.65
CA SER A 77 -32.76 -8.51 -7.76
C SER A 77 -32.89 -7.29 -8.65
N ARG A 78 -34.06 -6.63 -8.58
CA ARG A 78 -34.35 -5.39 -9.29
C ARG A 78 -33.40 -4.36 -8.73
N LYS A 79 -33.77 -3.81 -7.58
CA LYS A 79 -33.06 -2.71 -6.95
C LYS A 79 -31.68 -3.13 -6.45
N LEU A 80 -31.50 -4.44 -6.34
CA LEU A 80 -30.41 -4.99 -5.60
C LEU A 80 -29.41 -5.09 -6.60
N GLN A 81 -29.76 -5.75 -7.67
CA GLN A 81 -28.73 -6.05 -8.62
C GLN A 81 -28.41 -4.79 -9.41
N GLU A 82 -29.17 -3.74 -9.21
CA GLU A 82 -28.64 -2.55 -9.80
C GLU A 82 -27.90 -1.65 -8.77
N LYS A 83 -28.22 -1.72 -7.48
CA LYS A 83 -27.52 -1.02 -6.37
C LYS A 83 -26.24 -1.76 -6.08
N ALA A 84 -26.08 -2.90 -6.74
CA ALA A 84 -24.86 -3.68 -6.75
C ALA A 84 -23.78 -2.77 -7.16
N GLU A 85 -23.99 -2.02 -8.22
CA GLU A 85 -22.87 -1.31 -8.80
C GLU A 85 -22.57 0.11 -8.23
N GLU A 86 -23.43 0.67 -7.39
CA GLU A 86 -23.02 1.94 -6.69
C GLU A 86 -22.41 1.73 -5.24
N VAL A 87 -22.86 0.67 -4.58
CA VAL A 87 -22.10 0.20 -3.43
C VAL A 87 -20.59 -0.18 -3.70
N LYS A 88 -20.36 -0.95 -4.76
CA LYS A 88 -19.06 -1.36 -5.11
C LYS A 88 -18.27 -0.08 -5.17
N ARG A 89 -18.92 0.91 -5.75
CA ARG A 89 -18.30 2.18 -5.99
C ARG A 89 -18.15 3.04 -4.76
N ALA A 90 -19.01 2.83 -3.76
CA ALA A 90 -18.81 3.55 -2.47
C ALA A 90 -17.79 2.91 -1.52
N PHE A 91 -17.98 1.65 -1.26
CA PHE A 91 -16.95 0.93 -0.56
C PHE A 91 -15.60 1.00 -1.15
N ARG A 92 -15.52 1.52 -2.39
CA ARG A 92 -14.29 1.58 -3.11
C ARG A 92 -13.78 0.19 -3.14
N ALA A 93 -14.65 -0.67 -3.53
CA ALA A 93 -14.48 -2.10 -3.49
C ALA A 93 -13.71 -2.59 -4.74
N LYS A 94 -12.74 -3.49 -4.67
CA LYS A 94 -12.41 -4.17 -5.90
C LYS A 94 -13.57 -5.06 -6.46
N ASN A 95 -14.48 -5.71 -5.68
CA ASN A 95 -15.56 -6.61 -6.26
C ASN A 95 -16.80 -6.62 -5.48
N VAL A 96 -17.88 -6.96 -6.13
CA VAL A 96 -19.17 -6.91 -5.49
C VAL A 96 -19.86 -8.27 -5.76
N ARG A 97 -20.92 -8.56 -5.02
CA ARG A 97 -21.87 -9.55 -5.45
C ARG A 97 -23.16 -9.33 -4.75
N THR A 98 -24.11 -10.23 -4.98
CA THR A 98 -25.43 -10.16 -4.41
C THR A 98 -25.76 -11.51 -3.77
N ILE A 99 -26.49 -11.46 -2.66
CA ILE A 99 -27.21 -12.61 -2.20
C ILE A 99 -28.56 -12.12 -1.68
N ILE A 100 -29.56 -12.98 -1.85
CA ILE A 100 -30.97 -12.76 -1.54
C ILE A 100 -31.29 -14.03 -0.82
N ARG A 101 -31.74 -13.90 0.44
CA ARG A 101 -32.24 -15.04 1.18
C ARG A 101 -33.58 -14.67 1.69
N PHE A 102 -34.42 -15.68 1.97
CA PHE A 102 -35.69 -15.51 2.76
C PHE A 102 -35.48 -15.73 4.22
N GLY A 103 -36.21 -15.05 5.08
CA GLY A 103 -36.09 -15.49 6.49
C GLY A 103 -36.19 -14.41 7.52
N ILE A 104 -35.57 -14.64 8.67
CA ILE A 104 -35.59 -13.58 9.69
C ILE A 104 -34.33 -12.78 9.50
N PRO A 105 -34.51 -11.50 9.23
CA PRO A 105 -33.36 -10.72 8.93
C PRO A 105 -32.08 -11.11 9.76
N TRP A 106 -32.03 -10.86 11.07
CA TRP A 106 -30.75 -11.09 11.79
C TRP A 106 -30.21 -12.51 11.64
N ASP A 107 -31.08 -13.44 11.34
CA ASP A 107 -30.67 -14.80 11.41
C ASP A 107 -30.04 -15.15 10.05
N GLU A 108 -30.58 -14.54 9.03
CA GLU A 108 -29.97 -14.75 7.78
C GLU A 108 -28.61 -14.04 7.70
N ILE A 109 -28.60 -12.75 8.04
CA ILE A 109 -27.37 -11.99 8.23
C ILE A 109 -26.29 -12.87 8.90
N VAL A 110 -26.60 -13.47 10.04
CA VAL A 110 -25.60 -14.15 10.80
C VAL A 110 -25.22 -15.48 10.13
N LYS A 111 -26.22 -16.07 9.51
CA LYS A 111 -26.04 -17.34 8.82
C LYS A 111 -25.08 -17.11 7.69
N VAL A 112 -25.36 -16.13 6.86
CA VAL A 112 -24.53 -15.82 5.71
C VAL A 112 -23.16 -15.25 6.13
N ALA A 113 -23.09 -14.46 7.19
CA ALA A 113 -21.78 -14.01 7.61
C ALA A 113 -20.95 -15.23 7.71
N GLU A 114 -21.37 -16.16 8.56
CA GLU A 114 -20.46 -17.24 8.96
C GLU A 114 -20.05 -18.15 7.85
N GLU A 115 -20.98 -18.32 6.92
CA GLU A 115 -20.83 -19.22 5.81
C GLU A 115 -19.94 -18.73 4.67
N GLU A 116 -19.82 -17.42 4.43
CA GLU A 116 -18.85 -16.98 3.48
C GLU A 116 -17.54 -16.54 4.06
N ASN A 117 -17.29 -16.99 5.29
CA ASN A 117 -16.16 -16.58 6.01
C ASN A 117 -15.75 -15.15 5.62
N VAL A 118 -16.59 -14.20 6.04
CA VAL A 118 -16.41 -12.77 5.75
C VAL A 118 -15.52 -12.15 6.81
N SER A 119 -14.87 -11.02 6.48
CA SER A 119 -13.90 -10.36 7.35
C SER A 119 -14.59 -9.54 8.38
N LEU A 120 -15.70 -8.92 8.00
CA LEU A 120 -16.39 -7.94 8.75
C LEU A 120 -17.83 -8.02 8.39
N ILE A 121 -18.71 -7.63 9.32
CA ILE A 121 -20.06 -7.21 8.88
C ILE A 121 -20.27 -5.73 9.12
N ILE A 122 -20.89 -5.04 8.16
CA ILE A 122 -21.14 -3.62 8.29
C ILE A 122 -22.60 -3.47 8.24
N LEU A 123 -23.13 -2.67 9.17
CA LEU A 123 -24.55 -2.38 9.37
C LEU A 123 -24.84 -0.90 9.61
N PRO A 124 -26.02 -0.42 9.14
CA PRO A 124 -26.45 0.92 9.49
C PRO A 124 -26.97 0.86 10.91
N SER A 125 -26.82 1.96 11.67
CA SER A 125 -27.31 1.96 13.06
C SER A 125 -28.81 1.82 12.96
N ARG A 126 -29.50 2.83 12.49
CA ARG A 126 -30.94 2.70 12.40
C ARG A 126 -31.38 2.67 10.94
N GLY A 127 -32.35 1.78 10.68
CA GLY A 127 -33.09 1.71 9.39
C GLY A 127 -34.09 2.87 9.21
N LYS A 128 -34.86 3.19 10.29
CA LYS A 128 -35.85 4.29 10.33
C LYS A 128 -35.25 5.71 10.16
N LEU A 131 -35.60 9.41 12.71
CA LEU A 131 -35.41 10.09 14.03
C LEU A 131 -34.18 9.60 14.82
N SER A 132 -33.12 10.44 14.80
CA SER A 132 -31.98 10.49 15.83
C SER A 132 -30.96 9.30 16.05
N HIS A 133 -29.75 9.70 16.50
CA HIS A 133 -28.56 8.84 16.59
C HIS A 133 -28.52 7.96 17.88
N GLU A 134 -29.68 7.55 18.41
CA GLU A 134 -29.70 6.70 19.60
C GLU A 134 -30.58 5.50 19.47
N PHE A 135 -31.67 5.64 18.70
CA PHE A 135 -32.47 4.44 18.44
C PHE A 135 -31.46 3.51 17.77
N LEU A 136 -31.17 2.38 18.43
CA LEU A 136 -30.26 1.47 17.87
C LEU A 136 -30.75 0.68 16.68
N GLY A 137 -31.91 0.08 16.72
CA GLY A 137 -32.18 -0.88 15.66
C GLY A 137 -32.03 -2.17 16.40
N SER A 138 -32.96 -3.08 16.16
CA SER A 138 -32.97 -4.33 16.90
C SER A 138 -32.62 -5.54 15.99
N THR A 139 -32.75 -5.39 14.66
CA THR A 139 -31.96 -6.26 13.80
C THR A 139 -30.48 -6.12 14.17
N VAL A 140 -30.04 -4.87 14.35
CA VAL A 140 -28.67 -4.56 14.60
C VAL A 140 -28.20 -5.26 15.86
N MET A 141 -28.64 -4.75 16.99
CA MET A 141 -28.55 -5.45 18.22
C MET A 141 -28.50 -7.01 18.14
N ARG A 142 -29.39 -7.62 17.37
CA ARG A 142 -29.44 -9.07 17.38
C ARG A 142 -28.30 -9.76 16.60
N VAL A 143 -27.93 -9.22 15.45
CA VAL A 143 -26.68 -9.62 14.82
C VAL A 143 -25.53 -9.34 15.80
N LEU A 144 -25.41 -8.07 16.24
CA LEU A 144 -24.43 -7.73 17.24
C LEU A 144 -24.12 -8.82 18.23
N ARG A 145 -25.18 -9.43 18.77
CA ARG A 145 -25.12 -10.36 19.88
C ARG A 145 -24.85 -11.83 19.51
N LYS A 146 -25.23 -12.23 18.31
CA LYS A 146 -25.25 -13.61 17.94
C LYS A 146 -24.01 -13.94 17.16
N THR A 147 -23.44 -12.94 16.53
CA THR A 147 -22.31 -13.22 15.64
C THR A 147 -20.94 -13.42 16.32
N LYS A 148 -19.98 -13.99 15.59
CA LYS A 148 -18.53 -14.13 16.05
C LYS A 148 -17.58 -13.22 15.27
N LYS A 149 -18.00 -13.03 14.03
CA LYS A 149 -17.50 -11.97 13.15
C LYS A 149 -17.39 -10.52 13.85
N PRO A 150 -16.46 -9.64 13.35
CA PRO A 150 -16.46 -8.22 13.77
C PRO A 150 -17.54 -7.42 13.10
N VAL A 151 -17.85 -6.23 13.65
CA VAL A 151 -19.07 -5.54 13.20
C VAL A 151 -18.92 -4.05 13.16
N LEU A 152 -19.20 -3.43 12.02
CA LEU A 152 -19.05 -2.01 11.93
C LEU A 152 -20.45 -1.40 12.01
N ILE A 153 -20.68 -0.64 13.06
CA ILE A 153 -21.96 0.02 12.97
C ILE A 153 -21.76 1.46 12.54
N ILE A 154 -22.24 1.76 11.35
CA ILE A 154 -21.99 3.09 10.76
C ILE A 154 -23.25 3.86 11.12
N LYS A 155 -23.18 5.20 11.06
CA LYS A 155 -24.28 6.00 11.59
C LYS A 155 -24.63 7.32 10.86
N GLU A 156 -23.68 8.24 10.76
CA GLU A 156 -23.84 9.52 10.01
C GLU A 156 -22.54 10.32 10.11
N VAL A 157 -22.37 11.26 9.18
CA VAL A 157 -21.06 11.87 8.95
C VAL A 157 -20.65 12.92 10.03
N ASP A 158 -19.62 13.70 9.70
CA ASP A 158 -18.99 14.66 10.61
C ASP A 158 -19.58 16.13 10.65
N GLU A 159 -18.72 17.10 10.34
CA GLU A 159 -19.06 18.51 10.54
C GLU A 159 -19.53 19.22 9.27
N ASN A 160 -19.01 18.84 8.08
CA ASN A 160 -19.18 19.68 6.89
C ASN A 160 -20.63 19.83 6.30
N MET B 4 10.02 -5.50 -6.93
CA MET B 4 11.12 -4.69 -7.76
C MET B 4 12.18 -3.88 -6.98
N PHE B 5 11.80 -3.43 -5.79
CA PHE B 5 12.70 -2.93 -4.81
C PHE B 5 12.78 -3.92 -3.59
N ARG B 6 12.33 -5.19 -3.74
CA ARG B 6 12.44 -6.14 -2.61
C ARG B 6 13.82 -6.33 -2.19
N LYS B 7 14.78 -6.51 -3.13
CA LYS B 7 16.20 -6.83 -2.76
C LYS B 7 17.16 -5.96 -3.52
N VAL B 8 17.60 -4.86 -2.99
CA VAL B 8 18.41 -4.10 -3.90
C VAL B 8 19.95 -4.16 -3.75
N LEU B 9 20.66 -4.04 -4.84
CA LEU B 9 22.05 -4.13 -4.62
C LEU B 9 22.69 -2.76 -4.74
N PHE B 10 23.09 -2.16 -3.62
CA PHE B 10 23.76 -0.97 -3.82
C PHE B 10 25.22 -1.26 -3.65
N PRO B 11 26.01 -1.07 -4.67
CA PRO B 11 27.37 -1.22 -4.31
C PRO B 11 28.16 0.12 -4.20
N THR B 12 28.69 0.38 -3.00
CA THR B 12 29.50 1.54 -2.66
C THR B 12 30.97 1.20 -2.83
N ASP B 13 31.80 2.21 -3.11
CA ASP B 13 33.25 2.10 -3.00
C ASP B 13 33.74 3.28 -2.10
N PHE B 14 32.83 3.89 -1.36
CA PHE B 14 33.22 5.02 -0.48
C PHE B 14 33.71 6.21 -1.33
N SER B 15 33.32 6.23 -2.61
CA SER B 15 33.49 7.42 -3.46
C SER B 15 32.70 8.60 -2.83
N GLU B 16 32.80 9.80 -3.39
CA GLU B 16 32.02 10.91 -2.89
C GLU B 16 30.71 10.86 -3.59
N GLY B 17 30.71 10.26 -4.76
CA GLY B 17 29.53 10.22 -5.54
C GLY B 17 28.85 9.07 -4.94
N ALA B 18 29.63 8.03 -4.66
CA ALA B 18 29.17 6.87 -3.90
C ALA B 18 28.37 7.31 -2.67
N TYR B 19 28.90 8.24 -1.91
CA TYR B 19 28.17 8.71 -0.76
C TYR B 19 26.98 9.62 -1.05
N ARG B 20 27.11 10.49 -2.09
CA ARG B 20 26.03 11.42 -2.58
C ARG B 20 25.00 10.71 -3.44
N ALA B 21 25.35 9.53 -3.96
CA ALA B 21 24.35 8.71 -4.62
C ALA B 21 23.24 8.55 -3.61
N VAL B 22 23.62 8.32 -2.35
CA VAL B 22 22.77 7.89 -1.21
C VAL B 22 21.89 8.96 -0.61
N GLU B 23 22.28 10.22 -0.81
CA GLU B 23 21.33 11.29 -0.47
C GLU B 23 20.46 11.66 -1.65
N VAL B 24 21.01 11.51 -2.84
CA VAL B 24 20.19 11.60 -4.03
C VAL B 24 19.07 10.61 -3.83
N PHE B 25 19.42 9.38 -3.45
CA PHE B 25 18.44 8.37 -3.41
C PHE B 25 17.47 8.79 -2.41
N GLU B 26 17.96 9.27 -1.28
CA GLU B 26 17.06 9.65 -0.16
C GLU B 26 15.93 10.68 -0.48
N LYS B 27 16.33 11.79 -1.14
CA LYS B 27 15.40 12.88 -1.49
C LYS B 27 14.44 12.42 -2.56
N ARG B 28 15.05 11.99 -3.69
CA ARG B 28 14.55 11.26 -4.86
C ARG B 28 13.48 10.18 -4.73
N ASN B 29 13.66 9.18 -3.83
CA ASN B 29 12.71 8.05 -3.60
C ASN B 29 11.96 8.27 -2.29
N LYS B 30 10.65 7.93 -2.27
CA LYS B 30 9.89 7.70 -1.01
C LYS B 30 8.98 6.54 -1.30
N MET B 31 9.55 5.33 -1.22
CA MET B 31 8.95 4.05 -1.64
C MET B 31 9.73 3.09 -0.78
N GLU B 32 9.08 2.01 -0.38
CA GLU B 32 9.67 1.24 0.65
C GLU B 32 10.36 0.07 0.00
N VAL B 33 11.62 0.00 0.35
CA VAL B 33 12.52 -0.96 -0.20
C VAL B 33 12.49 -2.22 0.74
N GLY B 34 12.43 -3.43 0.21
CA GLY B 34 12.59 -4.61 1.05
C GLY B 34 13.90 -4.85 1.82
N GLU B 35 15.06 -4.79 1.17
CA GLU B 35 16.35 -5.17 1.74
C GLU B 35 17.31 -4.55 0.82
N VAL B 36 18.43 -4.10 1.38
CA VAL B 36 19.48 -3.54 0.53
C VAL B 36 20.76 -4.27 0.88
N ILE B 37 21.47 -4.73 -0.13
CA ILE B 37 22.73 -5.30 0.20
C ILE B 37 23.69 -4.14 0.04
N LEU B 38 24.43 -3.88 1.06
CA LEU B 38 25.44 -2.98 0.81
C LEU B 38 26.69 -3.81 0.41
N LEU B 39 27.27 -3.50 -0.74
CA LEU B 39 28.40 -4.30 -1.11
C LEU B 39 29.55 -3.41 -1.44
N HIS B 40 30.71 -3.71 -0.89
CA HIS B 40 31.89 -2.92 -1.16
C HIS B 40 32.81 -3.95 -1.64
N VAL B 41 33.37 -3.69 -2.81
CA VAL B 41 34.35 -4.65 -3.40
C VAL B 41 35.68 -3.97 -3.36
N ILE B 42 36.58 -4.61 -2.61
CA ILE B 42 37.94 -4.16 -2.49
C ILE B 42 38.69 -4.48 -3.81
N ASP B 43 39.25 -3.43 -4.45
CA ASP B 43 39.81 -3.46 -5.85
C ASP B 43 41.22 -4.05 -6.03
N GLU B 44 41.26 -5.37 -6.21
CA GLU B 44 42.51 -6.05 -6.45
C GLU B 44 42.87 -5.45 -7.78
N GLY B 45 43.66 -4.40 -7.73
CA GLY B 45 43.82 -3.62 -8.93
C GLY B 45 44.49 -2.37 -8.46
N THR B 46 43.98 -1.85 -7.35
CA THR B 46 44.56 -0.64 -6.80
C THR B 46 45.39 -1.14 -5.69
N LEU B 47 45.02 -2.34 -5.21
CA LEU B 47 45.85 -3.06 -4.27
C LEU B 47 47.16 -3.38 -4.95
N GLU B 48 47.13 -3.56 -6.29
CA GLU B 48 48.36 -3.76 -7.08
C GLU B 48 48.95 -2.43 -7.47
N GLU B 49 48.18 -1.38 -7.63
CA GLU B 49 48.84 -0.11 -7.91
C GLU B 49 49.65 0.30 -6.72
N LEU B 50 49.06 0.12 -5.56
CA LEU B 50 49.72 0.47 -4.31
C LEU B 50 50.69 -0.61 -3.83
N MET B 51 50.79 -1.69 -4.58
CA MET B 51 51.79 -2.72 -4.28
C MET B 51 53.07 -2.17 -4.95
N ASP B 52 52.91 -1.74 -6.22
CA ASP B 52 53.85 -0.87 -6.96
C ASP B 52 54.44 0.29 -6.14
N GLY B 53 53.57 1.02 -5.44
CA GLY B 53 53.97 2.22 -4.74
C GLY B 53 54.53 2.06 -3.33
N TYR B 54 55.25 0.96 -3.06
CA TYR B 54 56.11 0.67 -1.82
C TYR B 54 55.84 -0.67 -1.09
N LYS B 66 50.92 -10.87 1.21
CA LYS B 66 50.18 -9.67 0.70
C LYS B 66 49.01 -9.30 1.63
N ASP B 67 49.32 -8.99 2.88
CA ASP B 67 48.30 -8.65 3.89
C ASP B 67 48.05 -7.18 4.15
N ILE B 68 47.96 -6.40 3.08
CA ILE B 68 47.38 -5.08 3.19
C ILE B 68 45.89 -5.35 3.10
N LYS B 69 45.57 -6.41 2.40
CA LYS B 69 44.19 -6.86 2.27
C LYS B 69 43.37 -6.92 3.58
N GLU B 70 43.95 -7.33 4.70
CA GLU B 70 43.18 -7.37 5.97
C GLU B 70 43.03 -5.96 6.64
N LYS B 71 44.12 -5.20 6.58
CA LYS B 71 44.06 -3.79 6.88
C LYS B 71 42.90 -3.23 6.03
N LEU B 72 42.81 -3.73 4.79
CA LEU B 72 41.86 -3.22 3.80
C LEU B 72 40.48 -3.68 4.09
N LYS B 73 40.42 -4.96 4.43
CA LYS B 73 39.19 -5.58 4.68
C LYS B 73 38.64 -4.97 5.93
N GLU B 74 39.45 -4.79 6.96
CA GLU B 74 38.83 -4.39 8.22
C GLU B 74 38.46 -2.91 8.23
N GLU B 75 39.23 -1.99 7.67
CA GLU B 75 38.73 -0.63 7.56
C GLU B 75 37.57 -0.56 6.55
N ALA B 76 37.57 -1.49 5.62
CA ALA B 76 36.45 -1.65 4.74
C ALA B 76 35.36 -2.02 5.69
N SER B 77 35.38 -3.25 6.15
CA SER B 77 34.28 -3.81 6.92
C SER B 77 33.79 -3.01 8.16
N ARG B 78 34.56 -2.01 8.59
CA ARG B 78 34.08 -0.97 9.51
C ARG B 78 33.11 -0.07 8.80
N LYS B 79 33.73 0.86 8.05
CA LYS B 79 33.07 1.78 7.14
C LYS B 79 31.67 1.30 6.58
N LEU B 80 31.56 0.00 6.28
CA LEU B 80 30.31 -0.53 5.92
C LEU B 80 29.45 -0.62 7.14
N GLN B 81 29.82 -1.46 8.09
CA GLN B 81 28.91 -1.69 9.18
C GLN B 81 28.55 -0.38 9.90
N GLU B 82 29.35 0.66 9.65
CA GLU B 82 28.87 1.97 10.10
C GLU B 82 27.74 2.52 9.19
N LYS B 83 28.01 2.51 7.89
CA LYS B 83 27.20 3.10 6.86
C LYS B 83 25.88 2.31 6.67
N ALA B 84 25.97 1.03 6.99
CA ALA B 84 24.93 0.08 6.78
C ALA B 84 23.70 0.72 7.35
N GLU B 85 23.80 1.41 8.46
CA GLU B 85 22.55 1.89 9.14
C GLU B 85 21.84 3.17 8.55
N GLU B 86 22.63 4.04 7.90
CA GLU B 86 22.15 5.20 7.09
C GLU B 86 21.66 4.81 5.72
N VAL B 87 22.25 3.79 5.13
CA VAL B 87 21.70 3.36 3.90
C VAL B 87 20.30 2.78 4.18
N LYS B 88 20.20 1.84 5.11
CA LYS B 88 18.89 1.33 5.52
C LYS B 88 17.90 2.46 5.55
N ARG B 89 18.33 3.61 6.06
CA ARG B 89 17.41 4.68 6.37
C ARG B 89 17.04 5.57 5.16
N ALA B 90 18.06 6.11 4.51
CA ALA B 90 17.93 6.74 3.20
C ALA B 90 17.11 5.88 2.26
N PHE B 91 17.59 4.65 2.09
CA PHE B 91 16.95 3.77 1.18
C PHE B 91 15.54 3.51 1.56
N ARG B 92 15.24 3.89 2.80
CA ARG B 92 13.92 3.83 3.30
C ARG B 92 13.53 2.36 3.22
N ALA B 93 14.46 1.51 3.69
CA ALA B 93 14.44 0.06 3.55
C ALA B 93 14.04 -0.78 4.76
N LYS B 94 13.31 -1.85 4.52
CA LYS B 94 13.05 -2.74 5.64
C LYS B 94 14.25 -3.44 6.26
N ASN B 95 15.22 -3.97 5.49
CA ASN B 95 16.39 -4.65 6.06
C ASN B 95 17.71 -4.29 5.40
N VAL B 96 18.80 -4.29 6.15
CA VAL B 96 20.02 -4.03 5.50
C VAL B 96 21.08 -5.13 5.76
N ARG B 97 21.73 -5.62 4.70
CA ARG B 97 22.97 -6.36 4.93
C ARG B 97 24.13 -5.86 4.14
N THR B 98 25.29 -6.26 4.65
CA THR B 98 26.54 -5.93 4.06
C THR B 98 27.29 -7.15 3.52
N ILE B 99 28.24 -6.89 2.61
CA ILE B 99 28.98 -7.90 1.88
C ILE B 99 30.26 -7.23 1.43
N ILE B 100 31.40 -7.80 1.80
CA ILE B 100 32.66 -7.29 1.38
C ILE B 100 33.17 -8.24 0.34
N ARG B 101 33.93 -7.80 -0.66
CA ARG B 101 34.34 -8.69 -1.73
C ARG B 101 35.70 -8.37 -2.25
N PHE B 102 36.46 -9.39 -2.62
CA PHE B 102 37.75 -9.11 -3.20
C PHE B 102 37.95 -9.40 -4.69
N GLY B 103 38.17 -8.39 -5.53
CA GLY B 103 38.13 -8.70 -6.97
C GLY B 103 38.19 -7.49 -7.89
N ILE B 104 37.69 -7.60 -9.14
CA ILE B 104 37.61 -6.38 -10.00
C ILE B 104 36.20 -6.01 -9.75
N PRO B 105 35.95 -4.76 -9.27
CA PRO B 105 34.60 -4.33 -8.83
C PRO B 105 33.51 -4.87 -9.71
N TRP B 106 33.48 -4.49 -10.99
CA TRP B 106 32.29 -4.73 -11.79
C TRP B 106 32.10 -6.23 -11.90
N ASP B 107 33.10 -7.02 -11.60
CA ASP B 107 32.89 -8.41 -11.84
C ASP B 107 32.40 -9.07 -10.58
N GLU B 108 32.69 -8.44 -9.48
CA GLU B 108 32.18 -9.03 -8.27
C GLU B 108 30.74 -8.58 -8.18
N ILE B 109 30.45 -7.35 -8.62
CA ILE B 109 29.10 -6.78 -8.57
C ILE B 109 28.11 -7.65 -9.31
N VAL B 110 28.36 -7.82 -10.59
CA VAL B 110 27.54 -8.68 -11.38
C VAL B 110 27.46 -10.10 -10.81
N LYS B 111 28.46 -10.50 -10.03
CA LYS B 111 28.52 -11.88 -9.58
C LYS B 111 27.54 -11.99 -8.46
N VAL B 112 27.83 -11.32 -7.36
CA VAL B 112 26.89 -11.08 -6.25
C VAL B 112 25.46 -10.82 -6.75
N ALA B 113 25.25 -9.89 -7.70
CA ALA B 113 23.90 -9.64 -8.16
C ALA B 113 23.30 -10.97 -8.49
N GLU B 114 24.05 -11.76 -9.25
CA GLU B 114 23.47 -12.97 -9.66
C GLU B 114 23.20 -13.92 -8.49
N GLU B 115 24.19 -14.17 -7.63
CA GLU B 115 24.12 -15.32 -6.74
C GLU B 115 22.99 -14.99 -5.84
N GLU B 116 23.15 -13.97 -4.97
CA GLU B 116 22.01 -13.36 -4.22
C GLU B 116 20.62 -13.20 -4.87
N ASN B 117 20.56 -13.33 -6.19
CA ASN B 117 19.40 -13.06 -6.95
C ASN B 117 18.66 -11.88 -6.43
N VAL B 118 19.25 -10.71 -6.62
CA VAL B 118 18.61 -9.44 -6.33
C VAL B 118 17.58 -9.10 -7.43
N SER B 119 16.83 -8.01 -7.26
CA SER B 119 15.75 -7.63 -8.17
C SER B 119 16.13 -6.41 -8.91
N LEU B 120 17.13 -5.65 -8.45
CA LEU B 120 17.69 -4.45 -9.09
C LEU B 120 19.14 -4.12 -8.59
N ILE B 121 19.91 -3.37 -9.36
CA ILE B 121 21.11 -2.79 -8.82
C ILE B 121 21.15 -1.28 -8.83
N ILE B 122 21.30 -0.62 -7.69
CA ILE B 122 21.42 0.86 -7.77
C ILE B 122 22.86 1.04 -7.94
N LEU B 123 23.24 1.97 -8.82
CA LEU B 123 24.65 2.28 -9.20
C LEU B 123 24.79 3.77 -9.32
N PRO B 124 25.75 4.36 -8.62
CA PRO B 124 25.91 5.82 -8.78
C PRO B 124 26.43 6.08 -10.14
N SER B 125 25.96 7.14 -10.77
CA SER B 125 26.33 7.37 -12.15
C SER B 125 27.83 7.55 -12.30
N ARG B 126 28.32 8.63 -11.69
CA ARG B 126 29.74 8.91 -11.70
C ARG B 126 30.19 8.37 -10.38
N HIS B 133 29.62 15.67 -15.69
CA HIS B 133 28.20 15.25 -15.49
C HIS B 133 27.74 14.06 -16.39
N GLU B 134 28.00 14.18 -17.71
CA GLU B 134 27.59 13.26 -18.85
C GLU B 134 28.63 12.17 -19.05
N PHE B 135 29.77 12.40 -18.42
CA PHE B 135 30.71 11.35 -18.14
C PHE B 135 30.05 10.28 -17.26
N LEU B 136 29.91 9.11 -17.85
CA LEU B 136 29.43 7.92 -17.18
C LEU B 136 30.63 7.07 -16.71
N GLY B 137 30.57 6.51 -15.50
CA GLY B 137 31.66 5.65 -14.98
C GLY B 137 31.97 4.41 -15.81
N SER B 138 33.19 3.93 -15.70
CA SER B 138 33.60 2.81 -16.55
C SER B 138 33.05 1.49 -16.06
N THR B 139 32.70 1.49 -14.78
CA THR B 139 32.39 0.27 -14.10
C THR B 139 30.87 0.08 -14.06
N VAL B 140 30.20 1.16 -14.35
CA VAL B 140 28.82 1.19 -14.54
C VAL B 140 28.63 0.64 -15.95
N MET B 141 29.46 1.13 -16.86
CA MET B 141 29.34 0.78 -18.22
C MET B 141 29.58 -0.71 -18.22
N ARG B 142 30.64 -1.17 -17.64
CA ARG B 142 30.83 -2.59 -17.59
C ARG B 142 29.74 -3.44 -16.94
N VAL B 143 29.18 -2.99 -15.81
CA VAL B 143 28.17 -3.81 -15.09
C VAL B 143 26.92 -3.73 -15.91
N LEU B 144 26.70 -2.59 -16.57
CA LEU B 144 25.56 -2.46 -17.42
C LEU B 144 25.46 -3.41 -18.63
N ARG B 145 26.61 -3.72 -19.22
CA ARG B 145 26.70 -4.65 -20.34
C ARG B 145 26.61 -6.07 -19.86
N LYS B 146 27.04 -6.35 -18.66
CA LYS B 146 27.28 -7.71 -18.35
C LYS B 146 26.17 -8.36 -17.45
N THR B 147 25.30 -7.60 -16.79
CA THR B 147 24.30 -8.36 -16.03
C THR B 147 23.13 -8.69 -16.78
N LYS B 148 22.45 -9.65 -16.22
CA LYS B 148 21.19 -9.98 -16.73
C LYS B 148 20.10 -9.24 -15.92
N LYS B 149 20.50 -8.55 -14.85
CA LYS B 149 19.52 -7.92 -13.90
C LYS B 149 19.17 -6.45 -14.27
N PRO B 150 18.08 -5.92 -13.74
CA PRO B 150 17.82 -4.54 -14.01
C PRO B 150 18.81 -3.63 -13.30
N VAL B 151 19.11 -2.49 -13.88
CA VAL B 151 19.99 -1.62 -13.13
C VAL B 151 19.45 -0.20 -13.18
N LEU B 152 19.46 0.45 -12.04
CA LEU B 152 19.03 1.82 -11.98
C LEU B 152 20.24 2.68 -11.70
N ILE B 153 20.49 3.67 -12.54
CA ILE B 153 21.66 4.50 -12.36
C ILE B 153 21.12 5.76 -11.87
N ILE B 154 21.74 6.35 -10.87
CA ILE B 154 21.10 7.55 -10.39
C ILE B 154 22.20 8.56 -10.39
N LYS B 155 21.87 9.87 -10.58
CA LYS B 155 22.89 10.94 -10.60
C LYS B 155 22.75 12.03 -9.52
N GLU B 156 22.32 13.26 -9.85
CA GLU B 156 22.03 14.30 -8.81
C GLU B 156 20.52 14.47 -8.46
N VAL B 157 20.18 15.24 -7.38
CA VAL B 157 18.78 15.72 -7.11
C VAL B 157 18.42 16.68 -8.30
N ASP B 158 17.22 17.26 -8.39
CA ASP B 158 17.05 18.15 -9.56
C ASP B 158 16.76 19.64 -9.40
N GLU B 159 17.86 20.40 -9.40
CA GLU B 159 17.96 21.91 -9.45
C GLU B 159 16.63 22.65 -9.64
N MET C 4 9.46 7.74 -6.05
CA MET C 4 10.43 7.21 -7.17
C MET C 4 10.01 6.40 -8.46
N PHE C 5 8.91 5.68 -8.36
CA PHE C 5 8.10 5.41 -9.50
C PHE C 5 6.92 6.41 -9.58
N ARG C 6 6.97 7.53 -8.84
CA ARG C 6 5.89 8.51 -8.86
C ARG C 6 5.43 8.66 -10.25
N LYS C 7 6.28 9.14 -11.15
CA LYS C 7 5.87 9.28 -12.55
C LYS C 7 6.98 8.82 -13.42
N VAL C 8 6.70 7.94 -14.36
CA VAL C 8 7.75 7.14 -15.00
C VAL C 8 7.63 7.31 -16.45
N LEU C 9 8.77 7.52 -17.11
CA LEU C 9 8.71 7.81 -18.56
C LEU C 9 9.23 6.70 -19.28
N PHE C 10 8.42 6.23 -20.20
CA PHE C 10 8.78 5.03 -20.93
C PHE C 10 8.68 5.20 -22.40
N PRO C 11 9.84 5.36 -23.03
CA PRO C 11 9.84 5.63 -24.44
C PRO C 11 9.91 4.31 -25.23
N THR C 12 8.99 4.13 -26.16
CA THR C 12 8.93 2.94 -26.98
C THR C 12 9.25 3.27 -28.46
N ASP C 13 9.89 2.36 -29.19
CA ASP C 13 10.07 2.51 -30.70
C ASP C 13 9.20 1.48 -31.46
N PHE C 14 8.12 1.07 -30.81
CA PHE C 14 7.37 -0.09 -31.27
C PHE C 14 8.32 -1.04 -31.89
N SER C 15 9.17 -1.62 -31.07
CA SER C 15 10.14 -2.56 -31.49
C SER C 15 9.84 -3.79 -30.71
N GLU C 16 10.36 -4.91 -31.18
CA GLU C 16 10.20 -6.15 -30.51
C GLU C 16 10.56 -6.06 -29.01
N GLY C 17 11.80 -5.63 -28.75
CA GLY C 17 12.35 -5.42 -27.37
C GLY C 17 11.48 -4.50 -26.51
N ALA C 18 11.13 -3.33 -27.08
CA ALA C 18 10.20 -2.43 -26.50
C ALA C 18 8.97 -3.24 -26.05
N TYR C 19 8.21 -3.85 -26.95
CA TYR C 19 7.19 -4.83 -26.53
C TYR C 19 7.62 -5.83 -25.49
N ARG C 20 8.75 -6.49 -25.64
CA ARG C 20 9.08 -7.46 -24.56
C ARG C 20 9.46 -6.92 -23.16
N ALA C 21 10.06 -5.71 -23.16
CA ALA C 21 10.44 -5.00 -21.93
C ALA C 21 9.24 -4.84 -21.09
N VAL C 22 8.06 -4.56 -21.66
CA VAL C 22 6.97 -4.26 -20.75
C VAL C 22 6.60 -5.57 -20.04
N GLU C 23 6.50 -6.60 -20.86
CA GLU C 23 6.45 -7.95 -20.42
C GLU C 23 7.51 -8.22 -19.33
N VAL C 24 8.76 -7.88 -19.57
CA VAL C 24 9.70 -8.16 -18.51
C VAL C 24 9.25 -7.57 -17.14
N PHE C 25 8.88 -6.26 -17.14
CA PHE C 25 8.53 -5.47 -15.96
C PHE C 25 7.32 -6.06 -15.27
N GLU C 26 6.49 -6.58 -16.15
CA GLU C 26 5.27 -7.09 -15.75
C GLU C 26 5.67 -8.19 -14.79
N LYS C 27 6.71 -8.98 -15.17
CA LYS C 27 7.21 -10.16 -14.34
C LYS C 27 7.96 -9.81 -13.07
N ARG C 28 9.00 -8.99 -13.21
CA ARG C 28 9.77 -8.53 -12.12
C ARG C 28 9.06 -7.47 -11.22
N ASN C 29 8.40 -6.39 -11.74
CA ASN C 29 7.85 -5.40 -10.80
C ASN C 29 6.54 -5.83 -10.23
N LYS C 30 6.50 -5.65 -8.91
CA LYS C 30 5.29 -5.81 -8.09
C LYS C 30 4.92 -4.55 -7.29
N MET C 31 5.73 -3.46 -7.37
CA MET C 31 5.39 -2.15 -6.71
C MET C 31 4.35 -1.47 -7.64
N GLU C 32 3.60 -0.52 -7.09
CA GLU C 32 2.51 0.14 -7.77
C GLU C 32 3.14 1.46 -8.34
N VAL C 33 3.17 1.67 -9.66
CA VAL C 33 3.68 2.87 -10.31
C VAL C 33 2.66 4.03 -10.31
N GLY C 34 3.11 5.23 -10.05
CA GLY C 34 2.14 6.31 -10.06
C GLY C 34 1.59 6.65 -11.45
N GLU C 35 2.33 7.44 -12.25
CA GLU C 35 1.93 7.79 -13.60
C GLU C 35 2.94 7.17 -14.50
N VAL C 36 2.47 6.54 -15.57
CA VAL C 36 3.32 6.07 -16.64
C VAL C 36 3.10 6.93 -17.85
N ILE C 37 4.14 7.56 -18.38
CA ILE C 37 3.98 8.35 -19.55
C ILE C 37 4.52 7.58 -20.66
N LEU C 38 3.67 7.18 -21.60
CA LEU C 38 4.16 6.35 -22.69
C LEU C 38 4.63 7.19 -23.77
N LEU C 39 5.92 7.22 -24.01
CA LEU C 39 6.29 8.12 -25.09
C LEU C 39 6.78 7.38 -26.28
N HIS C 40 6.53 8.00 -27.44
CA HIS C 40 7.16 7.59 -28.72
C HIS C 40 7.64 8.72 -29.54
N VAL C 41 8.92 8.75 -29.85
CA VAL C 41 9.49 9.75 -30.80
C VAL C 41 9.44 9.32 -32.28
N ILE C 42 8.65 9.94 -33.14
CA ILE C 42 8.91 9.77 -34.62
C ILE C 42 10.26 10.32 -34.94
N ASP C 43 11.04 9.45 -35.55
CA ASP C 43 12.41 9.77 -35.81
C ASP C 43 12.56 10.72 -36.95
N GLU C 44 13.02 11.93 -36.63
CA GLU C 44 13.18 13.02 -37.61
C GLU C 44 14.22 12.64 -38.63
N GLY C 45 15.35 12.14 -38.18
CA GLY C 45 16.28 11.53 -39.11
C GLY C 45 15.83 10.36 -40.02
N THR C 46 14.84 9.57 -39.62
CA THR C 46 14.34 8.46 -40.48
C THR C 46 13.61 9.04 -41.73
N LEU C 47 13.31 10.36 -41.70
CA LEU C 47 12.85 11.17 -42.85
C LEU C 47 14.06 11.61 -43.67
N GLU C 48 14.91 10.58 -43.81
CA GLU C 48 16.02 10.39 -44.72
C GLU C 48 15.34 10.19 -46.00
N GLU C 49 14.73 9.00 -46.12
CA GLU C 49 14.00 8.62 -47.34
C GLU C 49 12.68 9.47 -47.51
N LEU C 50 12.63 10.68 -46.94
CA LEU C 50 12.05 11.80 -47.71
C LEU C 50 13.28 12.34 -48.45
N MET C 51 14.11 11.37 -48.86
CA MET C 51 14.80 11.41 -50.12
C MET C 51 14.26 10.22 -50.96
N ASP C 52 12.98 10.40 -51.37
CA ASP C 52 12.26 9.52 -52.29
C ASP C 52 11.04 10.17 -52.81
N LEU C 65 5.99 13.92 -53.04
CA LEU C 65 4.94 14.16 -52.03
C LEU C 65 5.42 15.26 -51.08
N LYS C 66 4.48 15.87 -50.35
CA LYS C 66 4.82 16.97 -49.43
C LYS C 66 4.95 16.40 -48.01
N ASP C 67 5.31 17.25 -47.03
CA ASP C 67 5.34 16.88 -45.58
C ASP C 67 4.24 15.92 -45.03
N ILE C 68 2.95 16.16 -45.41
CA ILE C 68 1.71 15.34 -45.17
C ILE C 68 1.99 13.85 -44.92
N LYS C 69 3.23 13.51 -45.24
CA LYS C 69 3.85 12.28 -44.81
C LYS C 69 3.79 12.12 -43.27
N GLU C 70 4.22 13.16 -42.57
CA GLU C 70 4.32 13.06 -41.12
C GLU C 70 2.98 13.15 -40.44
N LYS C 71 1.94 13.50 -41.20
CA LYS C 71 0.58 13.32 -40.73
C LYS C 71 0.39 11.83 -40.59
N LEU C 72 1.33 11.06 -41.11
CA LEU C 72 1.23 9.66 -40.95
C LEU C 72 1.79 9.10 -39.61
N LYS C 73 2.08 10.01 -38.69
CA LYS C 73 2.03 9.79 -37.23
C LYS C 73 0.65 9.39 -36.68
N GLU C 74 -0.35 9.03 -37.50
CA GLU C 74 -1.60 8.56 -36.92
C GLU C 74 -1.35 7.11 -36.79
N GLU C 75 -0.42 6.67 -37.62
CA GLU C 75 0.10 5.34 -37.50
C GLU C 75 0.62 5.20 -36.09
N ALA C 76 1.38 6.22 -35.70
CA ALA C 76 2.07 6.26 -34.40
C ALA C 76 1.07 6.22 -33.29
N SER C 77 0.29 7.28 -33.19
CA SER C 77 -0.80 7.33 -32.27
C SER C 77 -1.72 6.06 -32.20
N ARG C 78 -2.17 5.53 -33.34
CA ARG C 78 -2.91 4.30 -33.33
C ARG C 78 -2.26 3.43 -32.31
N LYS C 79 -1.08 2.87 -32.66
CA LYS C 79 -0.44 1.74 -31.93
C LYS C 79 -0.21 2.11 -30.49
N LEU C 80 -0.10 3.42 -30.29
CA LEU C 80 0.22 3.99 -29.00
C LEU C 80 -1.02 4.03 -28.14
N GLN C 81 -2.23 4.15 -28.67
CA GLN C 81 -3.28 4.11 -27.71
C GLN C 81 -3.59 2.64 -27.59
N GLU C 82 -3.24 1.84 -28.60
CA GLU C 82 -3.31 0.39 -28.47
C GLU C 82 -2.47 -0.02 -27.30
N LYS C 83 -1.29 0.58 -27.16
CA LYS C 83 -0.38 0.10 -26.14
C LYS C 83 -0.60 0.68 -24.77
N ALA C 84 -1.52 1.65 -24.62
CA ALA C 84 -1.69 2.40 -23.33
C ALA C 84 -2.34 1.57 -22.17
N GLU C 85 -3.57 1.07 -22.31
CA GLU C 85 -4.15 0.32 -21.18
C GLU C 85 -3.28 -0.94 -20.96
N GLU C 86 -2.65 -1.43 -22.03
CA GLU C 86 -1.70 -2.49 -21.94
C GLU C 86 -0.57 -2.20 -20.93
N VAL C 87 0.16 -1.14 -21.15
CA VAL C 87 1.20 -0.77 -20.20
C VAL C 87 0.78 -0.42 -18.80
N LYS C 88 -0.27 0.35 -18.71
CA LYS C 88 -0.78 0.80 -17.45
C LYS C 88 -1.00 -0.40 -16.66
N ARG C 89 -1.46 -1.48 -17.31
CA ARG C 89 -1.65 -2.73 -16.61
C ARG C 89 -0.28 -3.38 -16.26
N ALA C 90 0.46 -3.76 -17.31
CA ALA C 90 1.79 -4.33 -17.21
C ALA C 90 2.54 -3.68 -16.09
N PHE C 91 2.47 -2.33 -16.01
CA PHE C 91 3.25 -1.56 -15.04
C PHE C 91 2.56 -1.29 -13.75
N ARG C 92 1.48 -2.05 -13.48
CA ARG C 92 0.80 -1.87 -12.22
C ARG C 92 0.45 -0.39 -11.92
N ALA C 93 0.29 0.44 -12.94
CA ALA C 93 0.21 1.90 -12.78
C ALA C 93 -1.24 2.40 -12.62
N LYS C 94 -1.42 3.43 -11.81
CA LYS C 94 -2.74 4.06 -11.58
C LYS C 94 -3.18 4.81 -12.76
N ASN C 95 -2.33 5.70 -13.26
CA ASN C 95 -2.69 6.50 -14.45
C ASN C 95 -1.69 6.32 -15.52
N VAL C 96 -2.18 6.33 -16.77
CA VAL C 96 -1.30 6.44 -17.88
C VAL C 96 -1.69 7.53 -18.88
N ARG C 97 -0.65 8.05 -19.54
CA ARG C 97 -0.77 9.09 -20.53
C ARG C 97 0.12 8.75 -21.75
N THR C 98 -0.28 9.10 -22.98
CA THR C 98 0.65 8.90 -24.09
C THR C 98 1.17 10.22 -24.80
N ILE C 99 2.37 10.18 -25.43
CA ILE C 99 3.03 11.33 -26.10
C ILE C 99 3.68 11.00 -27.47
N ILE C 100 3.50 11.84 -28.49
CA ILE C 100 4.21 11.67 -29.76
C ILE C 100 5.15 12.86 -29.99
N ARG C 101 6.35 12.62 -30.54
CA ARG C 101 7.25 13.75 -30.90
C ARG C 101 8.01 13.55 -32.18
N PHE C 102 8.53 14.70 -32.69
CA PHE C 102 9.47 14.74 -33.85
C PHE C 102 10.90 15.13 -33.46
N GLY C 103 11.80 14.20 -33.69
CA GLY C 103 13.10 14.62 -33.46
C GLY C 103 14.05 13.51 -33.51
N ILE C 104 15.22 13.92 -33.05
CA ILE C 104 16.31 13.04 -32.73
C ILE C 104 15.87 12.31 -31.42
N PRO C 105 15.51 11.03 -31.53
CA PRO C 105 14.89 10.24 -30.46
C PRO C 105 15.49 10.41 -29.05
N TRP C 106 16.80 10.20 -28.92
CA TRP C 106 17.41 10.36 -27.60
C TRP C 106 17.20 11.79 -27.06
N ASP C 107 17.07 12.75 -27.96
CA ASP C 107 17.09 14.11 -27.56
C ASP C 107 15.70 14.35 -27.19
N GLU C 108 14.80 13.71 -27.89
CA GLU C 108 13.42 14.01 -27.62
C GLU C 108 13.13 13.54 -26.21
N ILE C 109 13.51 12.31 -25.96
CA ILE C 109 13.38 11.68 -24.66
C ILE C 109 13.90 12.51 -23.47
N VAL C 110 15.18 12.89 -23.54
CA VAL C 110 15.79 13.69 -22.51
C VAL C 110 15.02 14.97 -22.35
N LYS C 111 14.30 15.36 -23.41
CA LYS C 111 13.59 16.64 -23.40
C LYS C 111 12.32 16.51 -22.61
N VAL C 112 11.49 15.57 -22.92
CA VAL C 112 10.22 15.51 -22.28
C VAL C 112 10.38 14.94 -20.92
N ALA C 113 11.43 14.16 -20.66
CA ALA C 113 11.68 13.80 -19.24
C ALA C 113 11.82 15.06 -18.32
N GLU C 114 12.73 15.94 -18.73
CA GLU C 114 12.89 17.29 -18.22
C GLU C 114 11.62 18.10 -18.09
N GLU C 115 10.83 18.16 -19.14
CA GLU C 115 9.61 18.90 -19.20
C GLU C 115 8.68 18.32 -18.19
N GLU C 116 8.23 17.06 -18.38
CA GLU C 116 7.12 16.44 -17.62
C GLU C 116 7.40 16.22 -16.15
N ASN C 117 8.64 16.46 -15.84
CA ASN C 117 9.14 16.29 -14.53
C ASN C 117 8.99 14.86 -14.08
N VAL C 118 9.50 13.94 -14.87
CA VAL C 118 9.32 12.53 -14.54
C VAL C 118 10.30 12.09 -13.42
N SER C 119 9.92 11.06 -12.67
CA SER C 119 10.78 10.71 -11.58
C SER C 119 11.87 9.76 -12.01
N LEU C 120 11.57 8.92 -12.97
CA LEU C 120 12.47 7.90 -13.42
C LEU C 120 12.20 7.63 -14.89
N ILE C 121 13.24 7.76 -15.74
CA ILE C 121 13.10 7.35 -17.13
C ILE C 121 13.45 5.92 -17.22
N ILE C 122 12.53 5.08 -17.69
CA ILE C 122 12.87 3.63 -17.78
C ILE C 122 12.74 3.05 -19.15
N LEU C 123 13.83 2.48 -19.58
CA LEU C 123 13.98 1.98 -20.94
C LEU C 123 14.69 0.58 -21.17
N PRO C 124 14.27 -0.08 -22.29
CA PRO C 124 14.69 -1.39 -22.72
C PRO C 124 16.12 -1.46 -23.21
N SER C 125 16.73 -2.56 -22.85
CA SER C 125 18.14 -2.82 -22.96
C SER C 125 18.60 -2.69 -24.39
N ARG C 126 18.39 -3.75 -25.20
CA ARG C 126 18.85 -3.79 -26.60
C ARG C 126 17.66 -3.16 -27.23
N GLY C 127 16.46 -3.57 -26.78
CA GLY C 127 15.19 -3.07 -27.30
C GLY C 127 15.09 -3.29 -28.82
N LYS C 128 15.79 -2.45 -29.58
CA LYS C 128 15.99 -2.65 -31.04
C LYS C 128 15.64 -4.12 -31.52
N LEU C 129 16.65 -5.00 -31.38
CA LEU C 129 16.51 -6.39 -31.80
C LEU C 129 16.82 -7.19 -30.56
N SER C 130 15.98 -8.18 -30.22
CA SER C 130 16.31 -9.31 -29.28
C SER C 130 17.56 -10.23 -29.61
N LEU C 131 18.83 -9.69 -29.48
CA LEU C 131 20.16 -10.46 -29.72
C LEU C 131 21.03 -10.75 -28.45
N SER C 132 22.18 -10.07 -28.37
CA SER C 132 23.16 -10.27 -27.30
C SER C 132 22.80 -9.42 -26.08
N HIS C 133 22.66 -10.03 -24.90
CA HIS C 133 22.38 -9.25 -23.68
C HIS C 133 23.49 -8.22 -23.41
N GLU C 134 24.59 -8.29 -24.16
CA GLU C 134 25.72 -7.34 -23.97
C GLU C 134 25.58 -6.12 -24.82
N PHE C 135 24.67 -6.20 -25.75
CA PHE C 135 24.36 -5.12 -26.64
C PHE C 135 23.52 -4.15 -25.85
N LEU C 136 23.85 -2.87 -25.88
CA LEU C 136 22.94 -1.92 -25.28
C LEU C 136 22.53 -1.05 -26.42
N GLY C 137 21.26 -0.95 -26.71
CA GLY C 137 20.83 -0.09 -27.85
C GLY C 137 21.55 1.23 -27.90
N SER C 138 21.47 1.94 -29.02
CA SER C 138 22.21 3.21 -29.15
C SER C 138 21.59 4.38 -28.44
N THR C 139 20.26 4.58 -28.49
CA THR C 139 19.72 5.81 -27.92
C THR C 139 19.65 5.69 -26.44
N VAL C 140 19.60 4.45 -25.96
CA VAL C 140 19.87 4.16 -24.52
C VAL C 140 21.23 4.74 -24.06
N MET C 141 22.31 4.16 -24.56
CA MET C 141 23.60 4.72 -24.42
C MET C 141 23.50 6.24 -24.52
N ARG C 142 22.63 6.87 -25.31
CA ARG C 142 22.80 8.35 -25.34
C ARG C 142 22.02 9.11 -24.23
N VAL C 143 20.76 8.75 -24.08
CA VAL C 143 19.87 9.18 -22.99
C VAL C 143 20.49 9.02 -21.61
N LEU C 144 21.11 7.86 -21.43
CA LEU C 144 21.97 7.65 -20.29
C LEU C 144 22.98 8.71 -19.95
N ARG C 145 23.66 9.22 -20.96
CA ARG C 145 24.79 10.13 -20.75
C ARG C 145 24.26 11.54 -20.83
N LYS C 146 23.07 11.75 -21.35
CA LYS C 146 22.62 13.09 -21.52
C LYS C 146 21.73 13.57 -20.44
N THR C 147 21.13 12.64 -19.71
CA THR C 147 19.97 12.98 -18.92
C THR C 147 20.43 13.31 -17.55
N LYS C 148 19.65 14.12 -16.86
CA LYS C 148 19.81 14.46 -15.43
C LYS C 148 18.94 13.62 -14.49
N LYS C 149 18.05 12.77 -15.06
CA LYS C 149 17.14 11.87 -14.31
C LYS C 149 17.65 10.37 -14.12
N PRO C 150 17.10 9.65 -13.13
CA PRO C 150 17.44 8.25 -12.96
C PRO C 150 16.91 7.48 -14.07
N VAL C 151 17.74 6.53 -14.55
CA VAL C 151 17.45 5.66 -15.67
C VAL C 151 17.41 4.21 -15.19
N LEU C 152 16.52 3.42 -15.76
CA LEU C 152 16.44 2.06 -15.34
C LEU C 152 16.48 1.22 -16.63
N ILE C 153 17.58 0.50 -16.83
CA ILE C 153 17.75 -0.29 -18.02
C ILE C 153 17.17 -1.63 -17.68
N ILE C 154 16.39 -2.14 -18.61
CA ILE C 154 15.74 -3.41 -18.42
C ILE C 154 16.01 -4.45 -19.52
N LYS C 155 16.44 -5.61 -19.00
CA LYS C 155 16.98 -6.67 -19.84
C LYS C 155 15.95 -7.77 -20.18
N GLU C 156 16.10 -8.93 -19.52
CA GLU C 156 15.17 -10.03 -19.74
C GLU C 156 14.58 -10.48 -18.39
N VAL C 157 13.53 -11.32 -18.44
CA VAL C 157 12.92 -11.86 -17.21
C VAL C 157 13.95 -12.71 -16.47
N ASP C 158 13.69 -12.99 -15.20
CA ASP C 158 14.52 -13.91 -14.46
C ASP C 158 14.80 -15.22 -15.24
N GLU C 159 15.83 -15.94 -14.81
CA GLU C 159 16.09 -17.30 -15.30
C GLU C 159 14.79 -18.11 -15.52
N ASN C 160 14.19 -18.47 -14.38
CA ASN C 160 12.92 -19.21 -14.28
C ASN C 160 11.69 -18.53 -14.98
N GLU C 161 11.13 -19.26 -15.95
CA GLU C 161 10.03 -18.78 -16.82
C GLU C 161 9.00 -19.93 -17.16
N MET D 4 -10.70 5.37 6.35
CA MET D 4 -11.32 4.81 7.65
C MET D 4 -10.66 4.12 8.93
N PHE D 5 -9.36 3.81 8.93
CA PHE D 5 -8.63 3.44 10.14
C PHE D 5 -7.51 4.47 10.33
N ARG D 6 -7.86 5.65 9.83
CA ARG D 6 -6.97 6.73 9.72
C ARG D 6 -6.58 7.14 11.10
N LYS D 7 -7.56 7.04 12.01
CA LYS D 7 -7.42 7.51 13.38
C LYS D 7 -8.42 6.82 14.22
N VAL D 8 -7.98 5.66 14.67
CA VAL D 8 -8.75 4.70 15.44
C VAL D 8 -8.60 4.86 16.98
N LEU D 9 -9.67 4.77 17.78
CA LEU D 9 -9.42 4.81 19.20
C LEU D 9 -9.83 3.58 19.93
N PHE D 10 -9.00 3.19 20.86
CA PHE D 10 -9.14 1.89 21.47
C PHE D 10 -8.97 2.03 22.97
N PRO D 11 -10.10 1.99 23.67
CA PRO D 11 -10.35 2.06 25.06
C PRO D 11 -10.06 0.73 25.66
N THR D 12 -9.27 0.77 26.72
CA THR D 12 -8.83 -0.44 27.42
C THR D 12 -9.12 -0.33 28.93
N ASP D 13 -9.97 -1.18 29.47
CA ASP D 13 -10.32 -1.19 30.90
C ASP D 13 -9.25 -1.96 31.63
N PHE D 14 -8.49 -2.72 30.85
CA PHE D 14 -7.37 -3.55 31.31
C PHE D 14 -7.69 -4.98 31.46
N SER D 15 -8.91 -5.32 31.07
CA SER D 15 -9.40 -6.68 31.07
C SER D 15 -8.45 -7.61 30.34
N GLU D 16 -8.40 -8.81 30.85
CA GLU D 16 -7.95 -9.90 30.02
C GLU D 16 -8.83 -9.93 28.77
N GLY D 17 -10.11 -9.57 28.91
CA GLY D 17 -10.93 -9.25 27.75
C GLY D 17 -10.37 -8.21 26.79
N ALA D 18 -9.98 -7.08 27.37
CA ALA D 18 -9.39 -5.98 26.63
C ALA D 18 -8.11 -6.40 25.98
N TYR D 19 -7.27 -7.09 26.75
CA TYR D 19 -6.06 -7.73 26.21
C TYR D 19 -6.21 -8.80 25.14
N ARG D 20 -7.31 -9.53 25.10
CA ARG D 20 -7.46 -10.54 24.04
C ARG D 20 -7.78 -9.87 22.75
N ALA D 21 -8.66 -8.87 22.88
CA ALA D 21 -9.15 -8.15 21.70
C ALA D 21 -8.02 -7.50 20.87
N VAL D 22 -6.89 -7.12 21.47
CA VAL D 22 -5.75 -6.72 20.67
C VAL D 22 -5.15 -7.91 19.90
N GLU D 23 -5.36 -9.12 20.39
CA GLU D 23 -4.63 -10.18 19.76
C GLU D 23 -5.44 -10.51 18.60
N VAL D 24 -6.74 -10.54 18.88
CA VAL D 24 -7.75 -10.91 17.91
C VAL D 24 -7.66 -10.03 16.65
N PHE D 25 -7.47 -8.74 16.89
CA PHE D 25 -7.48 -7.75 15.88
C PHE D 25 -6.25 -7.95 15.06
N GLU D 26 -5.24 -8.47 15.72
CA GLU D 26 -4.02 -8.62 14.99
C GLU D 26 -4.14 -9.78 14.04
N LYS D 27 -4.98 -10.73 14.45
CA LYS D 27 -5.25 -11.93 13.69
C LYS D 27 -6.11 -11.61 12.55
N ARG D 28 -7.12 -10.76 12.73
CA ARG D 28 -8.04 -10.42 11.64
C ARG D 28 -7.64 -9.27 10.70
N ASN D 29 -6.89 -8.32 11.21
CA ASN D 29 -6.62 -7.26 10.36
C ASN D 29 -5.37 -7.56 9.60
N LYS D 30 -5.41 -7.36 8.27
CA LYS D 30 -4.15 -7.25 7.52
C LYS D 30 -3.97 -5.83 7.00
N MET D 31 -5.01 -5.03 7.15
CA MET D 31 -5.01 -3.66 6.66
C MET D 31 -4.22 -2.72 7.56
N GLU D 32 -3.64 -1.68 6.95
CA GLU D 32 -2.81 -0.77 7.66
C GLU D 32 -3.69 0.27 8.40
N VAL D 33 -3.32 0.61 9.65
CA VAL D 33 -4.00 1.68 10.40
C VAL D 33 -3.21 3.03 10.48
N GLY D 34 -3.87 4.15 10.25
CA GLY D 34 -3.29 5.48 10.52
C GLY D 34 -2.70 5.54 11.93
N GLU D 35 -3.41 6.19 12.84
CA GLU D 35 -2.99 6.39 14.20
C GLU D 35 -3.89 5.63 15.12
N VAL D 36 -3.36 5.19 16.25
CA VAL D 36 -4.16 4.55 17.24
C VAL D 36 -4.03 5.30 18.54
N ILE D 37 -5.07 6.07 18.86
CA ILE D 37 -5.19 6.68 20.19
C ILE D 37 -5.59 5.61 21.15
N LEU D 38 -4.72 5.31 22.08
CA LEU D 38 -5.04 4.28 23.01
C LEU D 38 -5.43 4.80 24.37
N LEU D 39 -6.60 4.46 24.81
CA LEU D 39 -7.13 5.11 25.99
C LEU D 39 -7.54 4.20 27.18
N HIS D 40 -7.19 4.69 28.36
CA HIS D 40 -7.74 4.14 29.57
C HIS D 40 -8.40 5.24 30.30
N VAL D 41 -9.70 5.02 30.66
CA VAL D 41 -10.43 5.87 31.67
C VAL D 41 -10.53 5.08 32.95
N ILE D 42 -10.03 5.74 34.02
CA ILE D 42 -10.13 5.31 35.46
C ILE D 42 -11.63 5.46 35.92
N ASP D 43 -12.15 4.32 36.37
CA ASP D 43 -13.59 4.24 36.66
C ASP D 43 -13.97 4.99 37.93
N GLU D 44 -14.31 6.25 37.78
CA GLU D 44 -14.59 7.00 38.96
C GLU D 44 -15.77 6.43 39.80
N GLY D 45 -16.46 5.42 39.33
CA GLY D 45 -17.42 4.84 40.22
C GLY D 45 -16.88 3.57 40.84
N THR D 46 -15.58 3.44 41.03
CA THR D 46 -15.10 2.14 41.53
C THR D 46 -14.30 2.66 42.60
N LEU D 47 -13.84 3.86 42.31
CA LEU D 47 -13.15 4.62 43.22
C LEU D 47 -14.19 4.86 44.31
N GLU D 48 -15.36 5.35 43.92
CA GLU D 48 -16.49 5.55 44.89
C GLU D 48 -17.18 4.23 45.27
N GLU D 49 -16.54 3.10 45.08
CA GLU D 49 -17.04 1.83 45.58
C GLU D 49 -15.98 1.25 46.53
N LEU D 50 -14.74 1.71 46.34
CA LEU D 50 -13.72 1.61 47.37
C LEU D 50 -14.04 2.44 48.61
N MET D 51 -14.38 3.71 48.48
CA MET D 51 -14.61 4.54 49.71
C MET D 51 -15.66 3.93 50.69
N ASP D 52 -16.92 3.78 50.26
CA ASP D 52 -17.77 2.78 50.93
C ASP D 52 -17.16 1.37 50.78
N GLY D 53 -16.09 1.19 51.56
CA GLY D 53 -15.28 -0.03 51.61
C GLY D 53 -14.04 0.36 52.37
N LEU D 65 -7.68 9.57 51.98
CA LEU D 65 -8.18 10.66 51.08
C LEU D 65 -8.28 10.05 49.70
N LYS D 66 -9.31 10.47 48.93
CA LYS D 66 -9.51 10.07 47.51
C LYS D 66 -8.28 10.42 46.57
N ASP D 67 -7.09 9.95 47.01
CA ASP D 67 -5.82 10.04 46.31
C ASP D 67 -5.11 8.74 46.35
N ILE D 68 -5.94 7.74 46.19
CA ILE D 68 -5.61 6.44 45.67
C ILE D 68 -5.55 6.83 44.20
N LYS D 69 -6.13 8.01 43.92
CA LYS D 69 -6.18 8.63 42.63
C LYS D 69 -4.84 8.71 42.00
N GLU D 70 -4.02 9.65 42.42
CA GLU D 70 -2.65 9.70 41.94
C GLU D 70 -1.94 8.35 41.87
N LYS D 71 -2.26 7.46 42.79
CA LYS D 71 -1.66 6.14 42.76
C LYS D 71 -2.33 5.33 41.67
N LEU D 72 -3.50 5.82 41.29
CA LEU D 72 -4.31 5.18 40.25
C LEU D 72 -3.88 5.66 38.87
N LYS D 73 -3.57 6.97 38.79
CA LYS D 73 -3.04 7.45 37.56
C LYS D 73 -1.79 6.65 37.35
N GLU D 74 -0.80 6.68 38.23
CA GLU D 74 0.40 5.92 37.90
C GLU D 74 0.25 4.42 37.58
N GLU D 75 -0.52 3.68 38.35
CA GLU D 75 -0.78 2.34 37.90
C GLU D 75 -1.19 2.30 36.36
N ALA D 76 -1.95 3.32 35.92
CA ALA D 76 -2.45 3.39 34.54
C ALA D 76 -1.32 3.90 33.64
N SER D 77 -1.01 5.19 33.67
CA SER D 77 0.20 5.74 33.04
C SER D 77 1.34 4.75 32.72
N ARG D 78 1.59 3.87 33.69
CA ARG D 78 2.62 2.82 33.64
C ARG D 78 2.17 1.79 32.68
N LYS D 79 1.17 1.05 33.09
CA LYS D 79 0.64 -0.08 32.32
C LYS D 79 0.45 0.21 30.87
N LEU D 80 -0.08 1.41 30.66
CA LEU D 80 -0.52 1.94 29.40
C LEU D 80 0.69 2.25 28.54
N GLN D 81 1.77 2.80 29.09
CA GLN D 81 2.91 3.05 28.21
C GLN D 81 3.72 1.80 28.12
N GLU D 82 3.60 0.96 29.10
CA GLU D 82 4.15 -0.34 28.98
C GLU D 82 3.44 -1.14 27.87
N LYS D 83 2.61 -0.54 27.06
CA LYS D 83 1.69 -1.42 26.36
C LYS D 83 1.24 -0.89 25.10
N ALA D 84 1.58 0.37 24.94
CA ALA D 84 1.20 1.09 23.76
C ALA D 84 2.03 0.62 22.57
N GLU D 85 3.19 -0.06 22.79
CA GLU D 85 4.03 -0.49 21.62
C GLU D 85 3.47 -1.75 21.03
N GLU D 86 2.86 -2.51 21.93
CA GLU D 86 2.25 -3.77 21.58
C GLU D 86 1.05 -3.49 20.76
N VAL D 87 0.29 -2.48 21.14
CA VAL D 87 -0.93 -2.24 20.46
C VAL D 87 -0.71 -1.64 19.09
N LYS D 88 0.31 -0.77 18.95
CA LYS D 88 0.70 -0.20 17.60
C LYS D 88 1.00 -1.26 16.59
N ARG D 89 1.63 -2.33 17.06
CA ARG D 89 1.97 -3.35 16.14
C ARG D 89 0.85 -4.28 15.96
N ALA D 90 0.14 -4.66 17.02
CA ALA D 90 -0.99 -5.56 16.87
C ALA D 90 -1.91 -5.00 15.81
N PHE D 91 -1.97 -3.65 15.73
CA PHE D 91 -2.71 -3.02 14.63
C PHE D 91 -1.75 -2.80 13.48
N ARG D 92 -2.17 -2.26 12.38
CA ARG D 92 -1.00 -2.06 11.59
C ARG D 92 -0.74 -0.59 11.51
N ALA D 93 -0.71 0.05 12.68
CA ALA D 93 -0.82 1.50 12.81
C ALA D 93 0.55 2.11 12.83
N LYS D 94 0.69 3.20 12.11
CA LYS D 94 1.99 3.83 12.01
C LYS D 94 2.34 4.64 13.30
N ASN D 95 1.29 5.02 14.05
CA ASN D 95 1.46 5.94 15.12
C ASN D 95 0.49 5.65 16.20
N VAL D 96 0.98 5.50 17.42
CA VAL D 96 0.21 5.33 18.60
C VAL D 96 0.44 6.50 19.55
N ARG D 97 -0.63 6.98 20.18
CA ARG D 97 -0.60 7.85 21.37
C ARG D 97 -1.43 7.17 22.41
N THR D 98 -1.30 7.71 23.63
CA THR D 98 -1.92 7.19 24.84
C THR D 98 -2.80 8.27 25.46
N ILE D 99 -4.03 8.01 25.91
CA ILE D 99 -4.71 8.95 26.81
C ILE D 99 -5.22 8.30 28.12
N ILE D 100 -4.92 8.91 29.29
CA ILE D 100 -5.59 8.61 30.62
C ILE D 100 -6.73 9.57 30.90
N ARG D 101 -7.75 9.02 31.56
CA ARG D 101 -8.90 9.81 31.78
C ARG D 101 -9.65 9.41 32.97
N PHE D 102 -10.27 10.43 33.58
CA PHE D 102 -11.01 10.18 34.79
C PHE D 102 -12.43 10.59 34.77
N GLY D 103 -13.31 9.60 34.95
CA GLY D 103 -14.81 9.81 34.93
C GLY D 103 -15.54 8.48 34.77
N ILE D 104 -16.69 8.54 34.07
CA ILE D 104 -17.39 7.30 33.67
C ILE D 104 -16.80 6.78 32.36
N PRO D 105 -16.54 5.46 32.26
CA PRO D 105 -15.99 5.11 30.95
C PRO D 105 -16.80 5.57 29.73
N TRP D 106 -17.91 4.95 29.41
CA TRP D 106 -18.60 5.35 28.14
C TRP D 106 -18.77 6.87 28.10
N ASP D 107 -18.84 7.53 29.22
CA ASP D 107 -19.01 8.94 29.14
C ASP D 107 -17.73 9.55 28.67
N GLU D 108 -16.56 9.07 29.11
CA GLU D 108 -15.24 9.64 28.73
C GLU D 108 -14.79 9.15 27.38
N ILE D 109 -15.21 7.97 27.00
CA ILE D 109 -14.90 7.56 25.68
C ILE D 109 -15.56 8.50 24.61
N VAL D 110 -16.88 8.68 24.72
CA VAL D 110 -17.57 9.32 23.64
C VAL D 110 -16.90 10.69 23.53
N LYS D 111 -16.53 11.18 24.72
CA LYS D 111 -15.94 12.49 24.86
C LYS D 111 -14.65 12.50 24.07
N VAL D 112 -13.69 11.68 24.49
CA VAL D 112 -12.49 11.61 23.69
C VAL D 112 -12.67 11.47 22.16
N ALA D 113 -13.49 10.53 21.75
CA ALA D 113 -13.71 10.37 20.35
C ALA D 113 -14.15 11.66 19.67
N GLU D 114 -15.09 12.42 20.25
CA GLU D 114 -15.45 13.69 19.67
C GLU D 114 -14.19 14.53 19.81
N GLU D 115 -13.69 14.74 21.02
CA GLU D 115 -12.63 15.66 21.14
C GLU D 115 -11.59 15.48 20.08
N GLU D 116 -10.81 14.41 20.11
CA GLU D 116 -9.79 14.06 19.08
C GLU D 116 -10.24 13.75 17.66
N ASN D 117 -11.53 13.80 17.38
CA ASN D 117 -12.05 13.67 16.00
C ASN D 117 -11.55 12.38 15.35
N VAL D 118 -11.35 11.37 16.22
CA VAL D 118 -11.19 9.96 15.86
C VAL D 118 -12.06 9.50 14.58
N SER D 119 -11.59 8.52 13.80
CA SER D 119 -12.36 8.07 12.60
C SER D 119 -13.28 6.90 12.89
N LEU D 120 -12.99 6.18 13.96
CA LEU D 120 -13.69 4.95 14.32
C LEU D 120 -13.31 4.61 15.74
N ILE D 121 -14.19 3.84 16.42
CA ILE D 121 -13.86 3.38 17.79
C ILE D 121 -13.91 1.89 17.86
N ILE D 122 -12.89 1.28 18.45
CA ILE D 122 -12.81 -0.17 18.44
C ILE D 122 -12.94 -0.69 19.85
N LEU D 123 -14.09 -1.24 20.13
CA LEU D 123 -14.40 -1.79 21.45
C LEU D 123 -14.32 -3.32 21.49
N PRO D 124 -13.67 -3.85 22.55
CA PRO D 124 -13.75 -5.28 22.74
C PRO D 124 -15.19 -5.57 23.12
N SER D 125 -15.76 -6.65 22.63
CA SER D 125 -17.17 -6.81 22.89
C SER D 125 -17.47 -6.91 24.39
N ARG D 126 -16.67 -7.76 25.06
CA ARG D 126 -16.92 -8.12 26.48
C ARG D 126 -15.99 -7.26 27.27
N GLY D 127 -16.59 -6.24 27.88
CA GLY D 127 -15.87 -5.51 28.90
C GLY D 127 -15.18 -6.63 29.70
N LYS D 128 -16.04 -7.51 30.26
CA LYS D 128 -15.65 -8.64 31.19
C LYS D 128 -14.69 -9.73 30.64
N HIS D 133 -19.76 -15.31 26.77
CA HIS D 133 -19.95 -15.00 25.30
C HIS D 133 -21.28 -14.24 25.04
N GLU D 134 -21.45 -13.73 23.80
CA GLU D 134 -22.70 -13.12 23.20
C GLU D 134 -23.53 -12.14 24.05
N PHE D 135 -23.13 -12.02 25.31
CA PHE D 135 -23.63 -10.98 26.17
C PHE D 135 -22.71 -9.78 25.96
N LEU D 136 -23.26 -8.64 25.49
CA LEU D 136 -22.46 -7.39 25.33
C LEU D 136 -22.33 -6.63 26.61
N GLY D 137 -21.08 -6.29 26.92
CA GLY D 137 -20.76 -5.42 28.04
C GLY D 137 -21.61 -4.17 28.08
N SER D 138 -21.61 -3.50 29.21
CA SER D 138 -22.56 -2.41 29.41
C SER D 138 -22.02 -1.10 28.87
N THR D 139 -20.69 -0.98 28.93
CA THR D 139 -20.11 0.33 28.63
C THR D 139 -19.95 0.42 27.13
N VAL D 140 -19.83 -0.74 26.49
CA VAL D 140 -19.91 -0.86 25.02
C VAL D 140 -21.30 -0.59 24.47
N MET D 141 -22.30 -1.39 24.85
CA MET D 141 -23.72 -1.04 24.65
C MET D 141 -23.95 0.49 24.89
N ARG D 142 -23.28 1.20 25.79
CA ARG D 142 -23.72 2.55 25.98
C ARG D 142 -23.12 3.54 25.07
N VAL D 143 -21.80 3.39 24.81
CA VAL D 143 -20.99 4.27 23.93
C VAL D 143 -21.65 4.15 22.61
N LEU D 144 -22.11 2.90 22.42
CA LEU D 144 -22.70 2.42 21.19
C LEU D 144 -24.03 3.05 20.85
N ARG D 145 -24.33 4.19 21.38
CA ARG D 145 -25.67 4.66 21.32
C ARG D 145 -25.47 6.09 21.71
N LYS D 146 -24.53 6.34 22.59
CA LYS D 146 -24.31 7.71 22.83
C LYS D 146 -23.41 8.43 21.79
N THR D 147 -22.70 7.67 20.94
CA THR D 147 -21.71 8.31 20.04
C THR D 147 -22.08 8.55 18.60
N LYS D 148 -21.58 9.66 18.10
CA LYS D 148 -21.80 9.94 16.69
C LYS D 148 -20.80 9.24 15.67
N LYS D 149 -19.61 8.84 16.19
CA LYS D 149 -18.54 8.17 15.45
C LYS D 149 -18.98 6.72 15.05
N PRO D 150 -18.29 6.09 14.09
CA PRO D 150 -18.73 4.72 13.91
C PRO D 150 -17.94 3.82 14.80
N VAL D 151 -18.41 2.60 15.01
CA VAL D 151 -17.79 1.74 15.93
C VAL D 151 -17.85 0.31 15.50
N LEU D 152 -16.78 -0.37 15.84
CA LEU D 152 -16.41 -1.66 15.31
C LEU D 152 -16.14 -2.41 16.53
N ILE D 153 -16.96 -3.42 16.74
CA ILE D 153 -16.88 -4.21 17.96
C ILE D 153 -16.11 -5.44 17.64
N ILE D 154 -15.20 -5.85 18.48
CA ILE D 154 -14.70 -7.13 18.10
C ILE D 154 -14.70 -8.19 19.17
N LYS D 155 -14.96 -9.40 18.68
CA LYS D 155 -15.04 -10.56 19.50
C LYS D 155 -13.71 -11.35 19.63
N GLU D 156 -13.68 -12.56 19.04
CA GLU D 156 -12.57 -13.55 19.13
C GLU D 156 -12.10 -14.10 17.72
N VAL D 157 -11.00 -14.86 17.62
CA VAL D 157 -10.58 -15.27 16.25
C VAL D 157 -11.50 -16.38 15.74
N ASP D 158 -11.35 -16.74 14.46
CA ASP D 158 -12.27 -17.69 13.84
C ASP D 158 -11.96 -19.14 14.22
N GLU D 159 -12.46 -20.07 13.39
CA GLU D 159 -12.23 -21.53 13.57
C GLU D 159 -11.19 -22.23 12.61
#